data_3MW2
#
_entry.id   3MW2
#
_cell.length_a   85.890
_cell.length_b   59.819
_cell.length_c   105.697
_cell.angle_alpha   90.00
_cell.angle_beta   103.86
_cell.angle_gamma   90.00
#
_symmetry.space_group_name_H-M   'C 1 2 1'
#
loop_
_entity.id
_entity.type
_entity.pdbx_description
1 polymer Neurexin-1-alpha
2 branched 2-acetamido-2-deoxy-beta-D-glucopyranose-(1-4)-[beta-D-mannopyranose-(1-6)]2-acetamido-2-deoxy-beta-D-glucopyranose
3 non-polymer 'PHOSPHATE ION'
4 water water
#
_entity_poly.entity_id   1
_entity_poly.type   'polypeptide(L)'
_entity_poly.pdbx_seq_one_letter_code
;GPGSTYIFSKGGGQITYKWPPNDRPSTRADRLAIGFSTVQKEAVLVRVDSSSGLGDYLELHIHQGKIGVKFNVGTDDIAI
EESNAIINDGKYHVVRFTRSGGNATLQVDSWPVIERYPAGNNDNERLAIARQRIPYRLGRVVDEWLLDKGRQLTIFNSQA
TIIIGGKEQGQPFQGQLSGLYYNGLKVLNMAAENDANIAIVGNVRLV
;
_entity_poly.pdbx_strand_id   A,B
#
# COMPACT_ATOMS: atom_id res chain seq x y z
N GLY A 3 0.17 25.18 -12.02
CA GLY A 3 0.35 26.40 -12.87
C GLY A 3 1.78 26.90 -12.82
N SER A 4 2.19 27.32 -11.61
CA SER A 4 3.58 27.68 -11.32
C SER A 4 4.46 26.45 -11.25
N THR A 5 5.38 26.33 -12.20
CA THR A 5 6.24 25.16 -12.29
C THR A 5 7.67 25.55 -11.99
N TYR A 6 8.29 24.78 -11.11
CA TYR A 6 9.70 24.98 -10.80
C TYR A 6 10.53 23.78 -11.26
N ILE A 7 11.65 24.07 -11.91
CA ILE A 7 12.57 23.01 -12.33
C ILE A 7 13.67 22.87 -11.29
N PHE A 8 13.82 21.67 -10.75
CA PHE A 8 14.93 21.37 -9.86
C PHE A 8 16.05 20.74 -10.67
N SER A 9 17.10 21.50 -10.95
CA SER A 9 18.21 21.05 -11.82
C SER A 9 19.30 20.29 -11.06
N LYS A 10 20.41 20.01 -11.75
CA LYS A 10 21.50 19.23 -11.18
C LYS A 10 21.98 19.85 -9.88
N GLY A 11 22.03 19.02 -8.85
CA GLY A 11 22.55 19.41 -7.56
C GLY A 11 21.42 19.60 -6.56
N GLY A 12 20.20 19.71 -7.08
CA GLY A 12 19.05 19.90 -6.23
C GLY A 12 18.87 21.31 -5.70
N GLY A 13 17.77 21.53 -5.00
CA GLY A 13 17.46 22.84 -4.46
C GLY A 13 16.37 22.72 -3.43
N GLN A 14 15.88 23.85 -2.95
CA GLN A 14 14.91 23.84 -1.86
C GLN A 14 14.03 25.08 -1.84
N ILE A 15 12.72 24.87 -1.76
CA ILE A 15 11.77 25.95 -1.52
C ILE A 15 11.14 25.71 -0.15
N THR A 16 11.34 26.67 0.74
CA THR A 16 10.84 26.57 2.10
C THR A 16 9.76 27.61 2.37
N TYR A 17 8.64 27.16 2.92
CA TYR A 17 7.61 28.04 3.43
C TYR A 17 7.60 27.96 4.94
N LYS A 18 7.67 29.11 5.59
CA LYS A 18 7.60 29.16 7.04
C LYS A 18 6.34 29.88 7.46
N TRP A 19 5.47 29.16 8.16
CA TRP A 19 4.30 29.79 8.76
C TRP A 19 4.76 30.89 9.71
N PRO A 20 4.07 32.04 9.70
CA PRO A 20 4.39 33.05 10.69
C PRO A 20 4.39 32.38 12.06
N PRO A 21 5.44 32.61 12.86
CA PRO A 21 5.69 31.81 14.07
C PRO A 21 4.49 31.73 14.98
N ASN A 22 3.41 32.39 14.59
CA ASN A 22 2.30 32.71 15.47
C ASN A 22 0.97 32.18 14.91
N ASP A 23 1.03 31.72 13.67
CA ASP A 23 -0.07 31.08 12.98
C ASP A 23 0.24 29.61 12.72
N ARG A 24 1.25 29.05 13.37
CA ARG A 24 1.60 27.63 13.21
C ARG A 24 0.43 26.69 13.48
N PRO A 25 -0.16 26.13 12.41
CA PRO A 25 -1.41 25.40 12.56
C PRO A 25 -1.28 23.97 13.10
N SER A 26 -2.35 23.48 13.69
CA SER A 26 -2.47 22.09 14.10
C SER A 26 -3.78 21.55 13.53
N THR A 27 -3.71 20.44 12.81
CA THR A 27 -4.87 19.98 12.04
C THR A 27 -5.26 18.53 12.29
N ARG A 28 -6.56 18.27 12.20
CA ARG A 28 -7.07 16.91 12.22
C ARG A 28 -7.01 16.35 10.81
N ALA A 29 -7.32 17.18 9.82
CA ALA A 29 -7.35 16.76 8.42
C ALA A 29 -6.36 17.55 7.53
N ASP A 30 -5.79 16.87 6.53
CA ASP A 30 -4.88 17.55 5.59
C ASP A 30 -5.24 17.26 4.11
N ARG A 31 -5.02 18.25 3.26
CA ARG A 31 -5.13 18.06 1.82
C ARG A 31 -3.85 18.54 1.16
N LEU A 32 -3.21 17.65 0.40
CA LEU A 32 -2.02 17.96 -0.36
C LEU A 32 -2.21 17.55 -1.83
N ALA A 33 -1.89 18.45 -2.74
CA ALA A 33 -1.85 18.13 -4.16
C ALA A 33 -0.55 18.65 -4.78
N ILE A 34 0.01 17.88 -5.70
CA ILE A 34 1.15 18.35 -6.48
C ILE A 34 1.23 17.60 -7.80
N GLY A 35 1.64 18.30 -8.85
CA GLY A 35 2.01 17.66 -10.10
C GLY A 35 3.52 17.53 -10.12
N PHE A 36 4.03 16.51 -10.81
CA PHE A 36 5.48 16.28 -10.85
C PHE A 36 5.93 15.50 -12.09
N SER A 37 7.18 15.68 -12.48
CA SER A 37 7.85 14.76 -13.38
C SER A 37 9.30 14.56 -12.96
N THR A 38 9.74 13.30 -13.00
CA THR A 38 11.10 12.91 -12.60
C THR A 38 11.46 11.54 -13.19
N VAL A 39 12.76 11.26 -13.25
CA VAL A 39 13.22 9.93 -13.65
C VAL A 39 13.88 9.20 -12.46
N GLN A 40 13.83 9.85 -11.30
CA GLN A 40 14.52 9.35 -10.11
C GLN A 40 13.84 8.15 -9.49
N LYS A 41 14.66 7.16 -9.13
CA LYS A 41 14.21 6.01 -8.37
C LYS A 41 13.76 6.42 -6.94
N GLU A 42 14.50 7.36 -6.36
CA GLU A 42 14.33 7.77 -4.97
C GLU A 42 14.44 9.29 -4.85
N ALA A 43 13.49 9.89 -4.15
CA ALA A 43 13.51 11.32 -3.88
C ALA A 43 12.48 11.67 -2.80
N VAL A 44 12.68 12.80 -2.14
CA VAL A 44 11.66 13.41 -1.31
C VAL A 44 11.19 14.66 -2.03
N LEU A 45 9.89 14.83 -2.17
CA LEU A 45 9.33 15.92 -2.95
C LEU A 45 8.95 17.03 -2.00
N VAL A 46 8.06 16.69 -1.08
CA VAL A 46 7.53 17.64 -0.10
C VAL A 46 7.55 17.04 1.30
N ARG A 47 7.85 17.89 2.28
CA ARG A 47 7.87 17.49 3.66
C ARG A 47 7.37 18.64 4.50
N VAL A 48 6.31 18.39 5.27
CA VAL A 48 5.82 19.36 6.23
C VAL A 48 6.25 18.89 7.62
N ASP A 49 7.14 19.67 8.24
CA ASP A 49 7.64 19.37 9.57
C ASP A 49 6.98 20.25 10.63
N SER A 50 6.84 19.71 11.84
CA SER A 50 6.38 20.48 12.98
C SER A 50 7.51 21.25 13.67
N SER A 51 7.16 22.04 14.68
CA SER A 51 8.12 22.81 15.48
C SER A 51 9.21 21.92 16.07
N SER A 52 10.38 22.50 16.30
CA SER A 52 11.49 21.81 16.96
C SER A 52 11.04 21.21 18.28
N GLY A 53 11.44 19.97 18.54
CA GLY A 53 11.07 19.28 19.76
C GLY A 53 9.85 18.40 19.59
N LEU A 54 9.24 18.44 18.41
CA LEU A 54 8.10 17.59 18.09
C LEU A 54 8.42 16.62 16.94
N GLY A 55 7.87 15.41 17.04
CA GLY A 55 8.09 14.40 16.01
C GLY A 55 7.24 14.50 14.75
N ASP A 56 6.16 15.28 14.81
CA ASP A 56 5.13 15.28 13.76
C ASP A 56 5.66 15.73 12.41
N TYR A 57 5.33 14.97 11.37
CA TYR A 57 5.78 15.28 10.02
C TYR A 57 4.88 14.59 9.01
N LEU A 58 4.97 15.06 7.77
CA LEU A 58 4.23 14.50 6.66
C LEU A 58 5.21 14.55 5.49
N GLU A 59 5.45 13.41 4.85
CA GLU A 59 6.45 13.35 3.80
C GLU A 59 5.93 12.69 2.52
N LEU A 60 6.05 13.42 1.42
CA LEU A 60 5.73 12.92 0.09
C LEU A 60 7.05 12.60 -0.58
N HIS A 61 7.22 11.34 -0.96
CA HIS A 61 8.47 10.88 -1.51
C HIS A 61 8.23 9.85 -2.60
N ILE A 62 9.32 9.45 -3.26
CA ILE A 62 9.29 8.38 -4.23
C ILE A 62 10.29 7.33 -3.77
N HIS A 63 9.84 6.08 -3.63
CA HIS A 63 10.72 4.96 -3.33
CA HIS A 63 10.71 4.94 -3.30
C HIS A 63 10.49 3.85 -4.35
N GLN A 64 11.59 3.34 -4.90
CA GLN A 64 11.57 2.32 -5.97
C GLN A 64 10.65 2.64 -7.17
N GLY A 65 10.64 3.89 -7.60
CA GLY A 65 9.79 4.32 -8.72
C GLY A 65 8.33 4.61 -8.37
N LYS A 66 7.96 4.44 -7.10
CA LYS A 66 6.57 4.55 -6.69
C LYS A 66 6.34 5.67 -5.69
N ILE A 67 5.27 6.42 -5.94
CA ILE A 67 4.92 7.58 -5.12
C ILE A 67 4.18 7.13 -3.85
N GLY A 68 4.45 7.81 -2.75
CA GLY A 68 3.88 7.44 -1.46
C GLY A 68 4.02 8.59 -0.48
N VAL A 69 3.35 8.46 0.65
CA VAL A 69 3.40 9.46 1.70
C VAL A 69 3.63 8.76 3.02
N LYS A 70 4.52 9.31 3.84
CA LYS A 70 4.69 8.82 5.18
C LYS A 70 4.45 9.94 6.17
N PHE A 71 3.70 9.66 7.23
CA PHE A 71 3.45 10.68 8.24
C PHE A 71 3.47 10.13 9.65
N ASN A 72 3.58 11.03 10.60
CA ASN A 72 3.54 10.71 12.02
C ASN A 72 2.75 11.80 12.70
N VAL A 73 1.78 11.43 13.52
CA VAL A 73 0.99 12.44 14.22
C VAL A 73 0.91 12.13 15.72
N GLY A 74 2.06 11.86 16.32
CA GLY A 74 2.13 11.18 17.62
C GLY A 74 1.93 9.71 17.36
N THR A 75 2.34 8.85 18.29
CA THR A 75 2.31 7.37 18.09
C THR A 75 3.12 6.87 16.88
N ASP A 76 2.52 5.98 16.07
CA ASP A 76 3.24 5.24 15.00
C ASP A 76 3.35 6.02 13.69
N ASP A 77 4.49 5.84 13.01
CA ASP A 77 4.65 6.25 11.61
C ASP A 77 3.67 5.51 10.70
N ILE A 78 2.98 6.26 9.86
CA ILE A 78 1.93 5.71 8.99
C ILE A 78 2.29 5.93 7.53
N ALA A 79 2.28 4.83 6.77
CA ALA A 79 2.67 4.87 5.38
C ALA A 79 1.48 4.55 4.47
N ILE A 80 1.38 5.30 3.38
CA ILE A 80 0.46 4.98 2.29
C ILE A 80 1.22 5.12 0.98
N GLU A 81 1.17 4.07 0.16
CA GLU A 81 1.94 4.04 -1.09
C GLU A 81 1.08 3.53 -2.23
N GLU A 82 1.28 4.14 -3.40
CA GLU A 82 0.71 3.64 -4.66
C GLU A 82 1.76 2.75 -5.35
N SER A 83 1.62 1.43 -5.14
CA SER A 83 2.66 0.48 -5.56
C SER A 83 2.45 -0.17 -6.94
N ASN A 84 1.40 0.22 -7.65
CA ASN A 84 1.11 -0.33 -8.97
C ASN A 84 1.63 0.51 -10.11
N ALA A 85 1.63 1.83 -9.95
CA ALA A 85 2.18 2.75 -10.95
C ALA A 85 3.66 2.99 -10.72
N ILE A 86 4.45 2.76 -11.77
CA ILE A 86 5.80 3.30 -11.84
C ILE A 86 5.67 4.71 -12.42
N ILE A 87 6.06 5.71 -11.64
CA ILE A 87 5.83 7.10 -11.98
C ILE A 87 7.11 7.91 -12.32
N ASN A 88 8.26 7.23 -12.34
CA ASN A 88 9.54 7.89 -12.61
C ASN A 88 9.97 7.74 -14.07
N ASP A 89 9.11 8.23 -14.96
CA ASP A 89 9.26 8.02 -16.40
C ASP A 89 9.47 9.34 -17.12
N GLY A 90 9.82 10.37 -16.35
CA GLY A 90 10.01 11.71 -16.89
C GLY A 90 8.75 12.36 -17.44
N LYS A 91 7.59 11.78 -17.13
CA LYS A 91 6.30 12.29 -17.58
C LYS A 91 5.53 12.93 -16.42
N TYR A 92 4.53 13.74 -16.77
CA TYR A 92 3.68 14.42 -15.78
C TYR A 92 2.74 13.46 -15.05
N HIS A 93 2.61 13.68 -13.75
CA HIS A 93 1.65 12.94 -12.90
C HIS A 93 1.13 13.91 -11.85
N VAL A 94 -0.11 13.68 -11.42
CA VAL A 94 -0.67 14.45 -10.32
C VAL A 94 -0.87 13.50 -9.15
N VAL A 95 -0.51 13.96 -7.96
CA VAL A 95 -0.71 13.21 -6.72
C VAL A 95 -1.64 14.01 -5.83
N ARG A 96 -2.62 13.34 -5.25
CA ARG A 96 -3.52 13.96 -4.30
C ARG A 96 -3.58 13.11 -3.05
N PHE A 97 -3.38 13.76 -1.92
CA PHE A 97 -3.33 13.09 -0.64
C PHE A 97 -4.27 13.78 0.33
N THR A 98 -5.10 12.99 1.03
CA THR A 98 -5.85 13.56 2.14
C THR A 98 -5.60 12.72 3.39
N ARG A 99 -5.73 13.37 4.54
CA ARG A 99 -5.56 12.69 5.81
C ARG A 99 -6.68 13.12 6.74
N SER A 100 -7.26 12.15 7.43
CA SER A 100 -8.21 12.41 8.50
C SER A 100 -7.81 11.56 9.69
N GLY A 101 -7.27 12.19 10.72
CA GLY A 101 -6.69 11.44 11.83
C GLY A 101 -5.62 10.50 11.32
N GLY A 102 -5.83 9.21 11.57
CA GLY A 102 -4.92 8.16 11.09
C GLY A 102 -5.31 7.56 9.74
N ASN A 103 -6.51 7.89 9.27
CA ASN A 103 -6.96 7.46 7.95
C ASN A 103 -6.30 8.33 6.89
N ALA A 104 -6.21 7.83 5.67
CA ALA A 104 -5.54 8.54 4.58
C ALA A 104 -5.98 8.05 3.20
N THR A 105 -6.02 8.95 2.23
CA THR A 105 -6.29 8.58 0.85
C THR A 105 -5.16 9.11 -0.02
N LEU A 106 -4.79 8.35 -1.04
CA LEU A 106 -3.79 8.81 -1.99
C LEU A 106 -4.27 8.53 -3.41
N GLN A 107 -4.20 9.55 -4.26
CA GLN A 107 -4.61 9.37 -5.63
C GLN A 107 -3.49 9.75 -6.57
N VAL A 108 -3.25 8.89 -7.56
CA VAL A 108 -2.21 9.13 -8.55
C VAL A 108 -2.78 9.07 -9.96
N ASP A 109 -2.81 10.22 -10.65
CA ASP A 109 -3.23 10.21 -12.06
C ASP A 109 -2.05 10.22 -13.02
N SER A 110 -2.22 9.51 -14.14
CA SER A 110 -1.21 9.43 -15.18
C SER A 110 -1.87 9.40 -16.54
N TRP A 111 -1.11 9.71 -17.58
CA TRP A 111 -1.63 9.70 -18.93
C TRP A 111 -0.80 8.78 -19.83
N PRO A 112 -0.86 7.46 -19.58
CA PRO A 112 -0.09 6.53 -20.38
C PRO A 112 -0.51 6.55 -21.86
N VAL A 113 0.45 6.32 -22.74
CA VAL A 113 0.23 6.33 -24.17
C VAL A 113 0.42 4.92 -24.75
N ILE A 114 0.28 3.92 -23.88
CA ILE A 114 0.59 2.52 -24.21
C ILE A 114 -0.44 1.58 -23.59
N GLU A 115 -0.94 0.64 -24.40
CA GLU A 115 -1.82 -0.42 -23.91
C GLU A 115 -1.29 -1.83 -24.18
N ARG A 116 -0.94 -2.52 -23.09
CA ARG A 116 -0.34 -3.87 -23.15
C ARG A 116 -1.39 -4.97 -23.18
N LEU A 127 2.90 -12.09 -22.00
CA LEU A 127 3.02 -11.63 -23.38
C LEU A 127 2.44 -10.22 -23.54
N ALA A 128 3.05 -9.25 -22.86
CA ALA A 128 2.65 -7.85 -22.90
C ALA A 128 2.71 -7.27 -24.33
N ILE A 129 2.03 -6.14 -24.55
CA ILE A 129 1.89 -5.56 -25.90
C ILE A 129 2.35 -4.08 -25.96
N ALA A 130 3.41 -3.83 -26.71
CA ALA A 130 3.91 -2.47 -26.89
C ALA A 130 3.07 -1.72 -27.94
N ARG A 131 1.81 -1.45 -27.61
CA ARG A 131 0.86 -0.76 -28.49
C ARG A 131 0.85 0.73 -28.17
N GLN A 132 1.47 1.55 -29.03
CA GLN A 132 1.38 3.00 -28.93
C GLN A 132 -0.06 3.43 -29.19
N ARG A 133 -0.53 4.36 -28.37
CA ARG A 133 -1.95 4.59 -28.16
C ARG A 133 -2.16 6.09 -28.04
N ILE A 134 -3.41 6.53 -28.15
CA ILE A 134 -3.75 7.89 -27.72
C ILE A 134 -3.66 7.92 -26.19
N PRO A 135 -2.89 8.88 -25.63
CA PRO A 135 -2.85 9.04 -24.18
C PRO A 135 -4.25 9.13 -23.57
N TYR A 136 -4.42 8.49 -22.41
CA TYR A 136 -5.69 8.44 -21.71
C TYR A 136 -5.41 8.52 -20.23
N ARG A 137 -6.39 9.00 -19.47
CA ARG A 137 -6.26 9.14 -18.01
C ARG A 137 -6.31 7.78 -17.33
N LEU A 138 -5.27 7.49 -16.54
CA LEU A 138 -5.25 6.31 -15.70
C LEU A 138 -5.13 6.76 -14.25
N GLY A 139 -6.22 6.58 -13.51
CA GLY A 139 -6.27 7.02 -12.13
C GLY A 139 -6.19 5.87 -11.15
N ARG A 140 -5.48 6.09 -10.06
CA ARG A 140 -5.35 5.10 -9.00
C ARG A 140 -5.61 5.78 -7.69
N VAL A 141 -6.44 5.13 -6.87
CA VAL A 141 -6.77 5.63 -5.55
C VAL A 141 -6.45 4.53 -4.57
N VAL A 142 -5.83 4.92 -3.46
CA VAL A 142 -5.56 4.02 -2.35
C VAL A 142 -6.14 4.70 -1.12
N ASP A 143 -6.94 3.95 -0.37
CA ASP A 143 -7.45 4.40 0.92
C ASP A 143 -6.90 3.49 2.01
N GLU A 144 -6.45 4.13 3.09
CA GLU A 144 -5.93 3.44 4.25
CA GLU A 144 -5.93 3.42 4.26
C GLU A 144 -6.78 3.83 5.46
N TRP A 145 -7.36 2.85 6.14
CA TRP A 145 -8.20 3.09 7.31
C TRP A 145 -7.68 2.38 8.55
N LEU A 146 -7.78 3.06 9.69
CA LEU A 146 -7.42 2.49 10.98
C LEU A 146 -8.68 2.22 11.81
N LEU A 147 -8.77 1.02 12.38
CA LEU A 147 -9.93 0.64 13.21
C LEU A 147 -9.56 0.34 14.66
N ASP A 148 -9.34 1.41 15.42
CA ASP A 148 -9.41 1.40 16.88
C ASP A 148 -10.57 2.33 17.21
N LYS A 149 -11.20 2.13 18.37
CA LYS A 149 -12.33 2.99 18.75
C LYS A 149 -11.88 4.42 19.08
N GLY A 150 -11.17 5.06 18.15
CA GLY A 150 -10.56 6.37 18.37
C GLY A 150 -9.59 6.33 19.52
N ARG A 151 -8.42 5.74 19.26
CA ARG A 151 -7.50 5.38 20.33
C ARG A 151 -6.12 5.98 20.09
N GLN A 152 -5.66 5.93 18.85
CA GLN A 152 -4.43 6.60 18.47
C GLN A 152 -4.65 8.13 18.38
N LEU A 153 -3.59 8.90 18.13
CA LEU A 153 -3.67 10.37 18.06
C LEU A 153 -3.99 10.84 16.63
N THR A 154 -4.65 11.98 16.51
CA THR A 154 -5.22 12.41 15.24
C THR A 154 -4.70 13.74 14.71
N ILE A 155 -3.93 14.46 15.52
CA ILE A 155 -3.56 15.84 15.20
C ILE A 155 -2.10 16.00 14.82
N PHE A 156 -1.89 16.54 13.62
CA PHE A 156 -0.60 17.00 13.16
C PHE A 156 -0.41 18.36 13.84
N ASN A 157 0.46 18.38 14.87
CA ASN A 157 0.62 19.54 15.75
C ASN A 157 1.69 20.50 15.28
N SER A 158 1.38 21.79 15.33
CA SER A 158 2.38 22.87 15.22
C SER A 158 3.23 22.81 13.96
N GLN A 159 2.56 22.83 12.82
CA GLN A 159 3.24 22.82 11.51
C GLN A 159 4.04 24.10 11.27
N ALA A 160 5.33 23.95 11.00
CA ALA A 160 6.26 25.08 10.98
C ALA A 160 6.87 25.37 9.62
N THR A 161 7.19 24.30 8.88
CA THR A 161 7.80 24.44 7.55
C THR A 161 7.19 23.47 6.56
N ILE A 162 7.02 23.96 5.33
CA ILE A 162 6.76 23.13 4.18
C ILE A 162 8.04 23.28 3.36
N ILE A 163 8.81 22.19 3.28
CA ILE A 163 10.05 22.17 2.56
C ILE A 163 9.89 21.31 1.30
N ILE A 164 10.11 21.92 0.14
CA ILE A 164 9.98 21.22 -1.14
C ILE A 164 11.35 20.98 -1.79
N GLY A 165 11.71 19.73 -2.07
CA GLY A 165 12.96 19.45 -2.75
C GLY A 165 13.85 18.34 -2.22
N GLY A 166 13.64 17.96 -0.96
CA GLY A 166 14.25 16.76 -0.41
C GLY A 166 15.69 16.80 0.06
N LYS A 167 16.33 17.97 -0.03
CA LYS A 167 17.75 18.06 0.36
C LYS A 167 18.02 17.68 1.82
N GLU A 168 17.19 18.15 2.73
CA GLU A 168 17.39 17.92 4.16
C GLU A 168 17.30 16.44 4.56
N GLN A 169 16.59 15.65 3.76
CA GLN A 169 16.52 14.20 3.97
C GLN A 169 17.66 13.44 3.30
N GLY A 170 18.54 14.17 2.61
CA GLY A 170 19.65 13.56 1.87
C GLY A 170 19.14 12.84 0.64
N GLN A 171 17.98 13.29 0.15
CA GLN A 171 17.34 12.66 -1.00
C GLN A 171 16.74 13.69 -1.98
N PRO A 172 17.60 14.53 -2.59
CA PRO A 172 17.16 15.67 -3.39
C PRO A 172 16.29 15.27 -4.57
N PHE A 173 15.29 16.10 -4.86
CA PHE A 173 14.44 15.90 -6.02
C PHE A 173 15.11 16.57 -7.21
N GLN A 174 15.08 15.91 -8.37
CA GLN A 174 15.50 16.50 -9.62
C GLN A 174 14.40 16.27 -10.64
N GLY A 175 14.02 17.32 -11.36
CA GLY A 175 12.88 17.23 -12.26
C GLY A 175 11.90 18.37 -12.04
N GLN A 176 10.66 18.19 -12.42
CA GLN A 176 9.69 19.28 -12.36
C GLN A 176 8.63 19.10 -11.29
N LEU A 177 8.39 20.15 -10.52
CA LEU A 177 7.26 20.21 -9.59
C LEU A 177 6.36 21.38 -9.98
N SER A 178 5.04 21.18 -9.90
CA SER A 178 4.08 22.28 -10.12
C SER A 178 2.80 22.15 -9.30
N GLY A 179 2.12 23.27 -9.12
CA GLY A 179 0.77 23.29 -8.58
C GLY A 179 0.63 22.69 -7.21
N LEU A 180 1.54 23.01 -6.31
CA LEU A 180 1.48 22.48 -4.95
C LEU A 180 0.32 23.13 -4.22
N TYR A 181 -0.51 22.31 -3.59
CA TYR A 181 -1.55 22.82 -2.74
C TYR A 181 -1.39 22.15 -1.38
N TYR A 182 -1.38 22.94 -0.31
CA TYR A 182 -1.40 22.39 1.04
C TYR A 182 -2.28 23.19 2.00
N ASN A 183 -3.40 22.60 2.43
CA ASN A 183 -4.36 23.24 3.35
C ASN A 183 -4.72 24.70 2.99
N GLY A 184 -4.99 24.94 1.71
CA GLY A 184 -5.29 26.28 1.22
C GLY A 184 -4.08 27.06 0.71
N LEU A 185 -2.87 26.57 0.94
CA LEU A 185 -1.67 27.27 0.50
C LEU A 185 -1.21 26.81 -0.88
N LYS A 186 -1.27 27.72 -1.85
CA LYS A 186 -0.70 27.46 -3.16
C LYS A 186 0.78 27.85 -3.15
N VAL A 187 1.61 26.95 -2.62
CA VAL A 187 2.99 27.28 -2.22
C VAL A 187 3.93 27.67 -3.36
N LEU A 188 3.85 26.97 -4.48
CA LEU A 188 4.67 27.35 -5.63
C LEU A 188 4.18 28.63 -6.31
N ASN A 189 2.88 28.91 -6.24
CA ASN A 189 2.36 30.19 -6.73
C ASN A 189 2.82 31.36 -5.84
N MET A 190 2.87 31.11 -4.53
CA MET A 190 3.33 32.11 -3.58
C MET A 190 4.82 32.36 -3.72
N ALA A 191 5.56 31.30 -4.05
CA ALA A 191 6.99 31.42 -4.36
C ALA A 191 7.18 32.33 -5.56
N ALA A 192 6.42 32.07 -6.63
CA ALA A 192 6.47 32.87 -7.86
C ALA A 192 6.14 34.34 -7.62
N GLU A 193 5.21 34.60 -6.70
CA GLU A 193 4.79 35.97 -6.38
C GLU A 193 5.65 36.61 -5.29
N ASN A 194 6.81 36.02 -5.04
CA ASN A 194 7.80 36.54 -4.06
C ASN A 194 7.24 36.78 -2.65
N ASP A 195 6.56 35.76 -2.12
CA ASP A 195 6.00 35.76 -0.77
C ASP A 195 7.12 35.90 0.26
N ALA A 196 6.92 36.76 1.26
CA ALA A 196 7.94 37.05 2.28
C ALA A 196 8.34 35.83 3.12
N ASN A 197 7.47 34.82 3.15
CA ASN A 197 7.66 33.64 4.00
C ASN A 197 8.26 32.44 3.26
N ILE A 198 8.72 32.71 2.04
CA ILE A 198 9.31 31.70 1.17
C ILE A 198 10.79 32.03 0.95
N ALA A 199 11.64 31.00 1.02
CA ALA A 199 13.05 31.09 0.65
C ALA A 199 13.34 30.05 -0.43
N ILE A 200 14.09 30.45 -1.45
CA ILE A 200 14.53 29.51 -2.48
C ILE A 200 16.06 29.42 -2.51
N VAL A 201 16.57 28.20 -2.38
CA VAL A 201 18.02 27.94 -2.44
C VAL A 201 18.33 26.79 -3.38
N GLY A 202 19.57 26.72 -3.87
CA GLY A 202 20.01 25.67 -4.78
C GLY A 202 19.73 25.97 -6.24
N ASN A 203 19.77 24.91 -7.06
CA ASN A 203 19.58 25.01 -8.50
C ASN A 203 18.11 24.80 -8.84
N VAL A 204 17.30 25.78 -8.46
CA VAL A 204 15.85 25.78 -8.67
C VAL A 204 15.50 27.04 -9.44
N ARG A 205 14.62 26.93 -10.42
CA ARG A 205 14.15 28.09 -11.15
C ARG A 205 12.69 27.94 -11.55
N LEU A 206 12.01 29.09 -11.67
CA LEU A 206 10.64 29.17 -12.13
C LEU A 206 10.59 29.05 -13.65
N VAL A 207 9.75 28.16 -14.16
CA VAL A 207 9.46 28.11 -15.60
C VAL A 207 8.72 29.37 -16.01
N GLY B 3 -11.78 -21.45 12.06
CA GLY B 3 -12.45 -22.78 11.91
C GLY B 3 -11.51 -23.96 12.14
N SER B 4 -11.19 -24.66 11.06
CA SER B 4 -10.25 -25.80 11.10
C SER B 4 -8.81 -25.35 10.85
N THR B 5 -7.91 -25.72 11.75
CA THR B 5 -6.56 -25.19 11.82
C THR B 5 -5.50 -26.24 11.45
N TYR B 6 -4.50 -25.80 10.69
CA TYR B 6 -3.40 -26.65 10.28
C TYR B 6 -2.05 -26.00 10.60
N ILE B 7 -1.13 -26.81 11.11
CA ILE B 7 0.24 -26.36 11.38
C ILE B 7 1.19 -26.82 10.27
N PHE B 8 2.05 -25.90 9.82
CA PHE B 8 3.09 -26.21 8.84
C PHE B 8 4.45 -26.12 9.54
N SER B 9 5.09 -27.27 9.70
CA SER B 9 6.34 -27.37 10.45
C SER B 9 7.56 -27.05 9.57
N LYS B 10 8.74 -27.47 10.01
CA LYS B 10 10.01 -27.22 9.32
C LYS B 10 10.18 -28.10 8.07
N GLY B 11 10.41 -27.44 6.93
CA GLY B 11 10.51 -28.12 5.63
C GLY B 11 9.49 -27.60 4.63
N GLY B 12 8.25 -27.44 5.09
CA GLY B 12 7.14 -26.99 4.25
C GLY B 12 6.19 -28.12 3.88
N GLY B 13 4.93 -27.76 3.68
CA GLY B 13 3.87 -28.70 3.27
C GLY B 13 2.86 -28.02 2.39
N GLN B 14 1.87 -28.79 1.91
CA GLN B 14 0.92 -28.27 0.92
C GLN B 14 -0.46 -28.90 1.00
N ILE B 15 -1.48 -28.04 0.91
CA ILE B 15 -2.87 -28.47 0.73
C ILE B 15 -3.35 -27.95 -0.63
N THR B 16 -3.99 -28.81 -1.41
CA THR B 16 -4.41 -28.48 -2.76
C THR B 16 -5.89 -28.81 -2.97
N TYR B 17 -6.71 -27.78 -3.22
CA TYR B 17 -8.08 -28.00 -3.70
C TYR B 17 -8.11 -27.85 -5.21
N LYS B 18 -8.88 -28.71 -5.87
CA LYS B 18 -8.94 -28.79 -7.31
C LYS B 18 -10.38 -28.93 -7.75
N TRP B 19 -10.99 -27.84 -8.23
CA TRP B 19 -12.36 -27.86 -8.74
C TRP B 19 -12.55 -28.99 -9.74
N PRO B 20 -13.61 -29.82 -9.58
CA PRO B 20 -13.96 -30.84 -10.56
C PRO B 20 -13.98 -30.24 -11.97
N PRO B 21 -13.54 -31.01 -12.98
CA PRO B 21 -13.32 -30.50 -14.34
C PRO B 21 -14.41 -29.53 -14.80
N ASN B 22 -15.67 -29.95 -14.66
CA ASN B 22 -16.84 -29.23 -15.13
C ASN B 22 -17.37 -28.16 -14.16
N ASP B 23 -16.54 -27.76 -13.19
CA ASP B 23 -16.97 -26.85 -12.13
C ASP B 23 -16.13 -25.60 -11.97
N ARG B 24 -15.06 -25.49 -12.75
CA ARG B 24 -14.13 -24.36 -12.65
C ARG B 24 -14.84 -23.00 -12.78
N PRO B 25 -14.78 -22.18 -11.72
CA PRO B 25 -15.49 -20.91 -11.71
C PRO B 25 -14.78 -19.81 -12.50
N SER B 26 -15.56 -18.84 -12.95
CA SER B 26 -15.05 -17.65 -13.60
C SER B 26 -15.76 -16.48 -12.97
N THR B 27 -15.02 -15.63 -12.28
CA THR B 27 -15.62 -14.61 -11.45
C THR B 27 -15.21 -13.19 -11.80
N ARG B 28 -16.11 -12.28 -11.51
CA ARG B 28 -15.90 -10.86 -11.68
C ARG B 28 -15.58 -10.22 -10.32
N ALA B 29 -15.93 -10.94 -9.25
CA ALA B 29 -15.68 -10.53 -7.88
C ALA B 29 -15.24 -11.73 -7.05
N ASP B 30 -14.32 -11.50 -6.10
CA ASP B 30 -13.76 -12.57 -5.27
C ASP B 30 -13.74 -12.19 -3.79
N ARG B 31 -13.84 -13.21 -2.93
CA ARG B 31 -13.79 -13.04 -1.50
C ARG B 31 -12.92 -14.13 -0.91
N LEU B 32 -11.91 -13.70 -0.15
CA LEU B 32 -10.95 -14.59 0.47
C LEU B 32 -10.74 -14.15 1.90
N ALA B 33 -10.51 -15.11 2.78
CA ALA B 33 -10.32 -14.85 4.20
C ALA B 33 -9.55 -15.99 4.80
N ILE B 34 -8.66 -15.66 5.74
CA ILE B 34 -7.87 -16.68 6.42
C ILE B 34 -7.29 -16.12 7.73
N GLY B 35 -7.16 -16.98 8.72
CA GLY B 35 -6.45 -16.66 9.95
C GLY B 35 -5.08 -17.28 9.82
N PHE B 36 -4.07 -16.61 10.35
CA PHE B 36 -2.71 -17.15 10.33
C PHE B 36 -1.87 -16.70 11.50
N SER B 37 -0.76 -17.40 11.73
CA SER B 37 0.30 -16.94 12.64
C SER B 37 1.62 -17.54 12.19
N THR B 38 2.65 -16.69 12.19
CA THR B 38 3.95 -17.02 11.60
C THR B 38 5.01 -16.07 12.14
N VAL B 39 6.29 -16.45 12.08
CA VAL B 39 7.38 -15.53 12.46
C VAL B 39 8.27 -15.19 11.26
N GLN B 40 7.78 -15.54 10.08
CA GLN B 40 8.55 -15.47 8.84
C GLN B 40 8.48 -14.09 8.20
N LYS B 41 9.57 -13.69 7.56
CA LYS B 41 9.62 -12.44 6.80
C LYS B 41 9.05 -12.65 5.40
N GLU B 42 9.29 -13.83 4.83
CA GLU B 42 8.85 -14.16 3.47
C GLU B 42 8.13 -15.51 3.44
N ALA B 43 6.99 -15.57 2.76
CA ALA B 43 6.20 -16.80 2.66
C ALA B 43 4.97 -16.62 1.77
N VAL B 44 4.57 -17.70 1.08
CA VAL B 44 3.32 -17.68 0.34
C VAL B 44 2.29 -18.52 1.08
N LEU B 45 1.09 -17.96 1.26
CA LEU B 45 0.07 -18.61 2.10
C LEU B 45 -0.97 -19.38 1.28
N VAL B 46 -1.59 -18.69 0.32
CA VAL B 46 -2.64 -19.24 -0.51
C VAL B 46 -2.42 -18.74 -1.93
N ARG B 47 -2.66 -19.60 -2.91
CA ARG B 47 -2.68 -19.16 -4.30
C ARG B 47 -3.79 -19.83 -5.10
N VAL B 48 -4.62 -19.01 -5.76
CA VAL B 48 -5.70 -19.54 -6.58
C VAL B 48 -5.30 -19.39 -8.03
N ASP B 49 -5.18 -20.52 -8.72
CA ASP B 49 -4.65 -20.53 -10.09
C ASP B 49 -5.68 -20.92 -11.13
N SER B 50 -5.57 -20.32 -12.31
CA SER B 50 -6.42 -20.67 -13.43
C SER B 50 -5.81 -21.82 -14.21
N SER B 51 -6.58 -22.38 -15.14
CA SER B 51 -6.14 -23.49 -15.97
C SER B 51 -4.86 -23.19 -16.76
N SER B 52 -4.09 -24.24 -17.05
CA SER B 52 -2.84 -24.15 -17.79
C SER B 52 -2.99 -23.34 -19.09
N GLY B 53 -2.07 -22.39 -19.28
CA GLY B 53 -2.07 -21.57 -20.50
C GLY B 53 -2.62 -20.19 -20.24
N LEU B 54 -3.37 -20.07 -19.15
CA LEU B 54 -3.92 -18.80 -18.70
C LEU B 54 -3.09 -18.28 -17.54
N GLY B 55 -2.73 -17.00 -17.60
CA GLY B 55 -1.87 -16.39 -16.60
C GLY B 55 -2.57 -15.92 -15.34
N ASP B 56 -3.90 -16.03 -15.32
CA ASP B 56 -4.70 -15.59 -14.18
C ASP B 56 -4.31 -16.29 -12.89
N TYR B 57 -4.24 -15.51 -11.82
CA TYR B 57 -3.98 -16.03 -10.47
C TYR B 57 -4.34 -14.99 -9.43
N LEU B 58 -4.35 -15.44 -8.16
CA LEU B 58 -4.55 -14.58 -7.00
C LEU B 58 -3.71 -15.11 -5.85
N GLU B 59 -2.83 -14.28 -5.30
CA GLU B 59 -1.87 -14.78 -4.31
C GLU B 59 -1.79 -13.97 -3.03
N LEU B 60 -2.09 -14.62 -1.92
CA LEU B 60 -1.86 -14.05 -0.61
C LEU B 60 -0.47 -14.45 -0.14
N HIS B 61 0.35 -13.46 0.18
CA HIS B 61 1.71 -13.70 0.63
C HIS B 61 2.16 -12.76 1.73
N ILE B 62 3.29 -13.10 2.35
CA ILE B 62 3.98 -12.22 3.28
C ILE B 62 5.31 -11.79 2.65
N HIS B 63 5.54 -10.47 2.63
CA HIS B 63 6.76 -9.88 2.10
CA HIS B 63 6.76 -9.87 2.10
C HIS B 63 7.26 -8.85 3.09
N GLN B 64 8.47 -9.06 3.61
CA GLN B 64 9.07 -8.17 4.62
C GLN B 64 8.23 -8.02 5.89
N GLY B 65 7.56 -9.10 6.27
CA GLY B 65 6.76 -9.16 7.49
C GLY B 65 5.40 -8.51 7.39
N LYS B 66 4.97 -8.24 6.15
CA LYS B 66 3.71 -7.58 5.89
C LYS B 66 2.85 -8.40 4.94
N ILE B 67 1.58 -8.55 5.30
CA ILE B 67 0.66 -9.34 4.50
C ILE B 67 0.12 -8.54 3.33
N GLY B 68 -0.19 -9.23 2.24
CA GLY B 68 -0.61 -8.59 1.01
C GLY B 68 -1.05 -9.58 -0.05
N VAL B 69 -1.76 -9.07 -1.05
CA VAL B 69 -2.32 -9.87 -2.09
C VAL B 69 -1.87 -9.29 -3.41
N LYS B 70 -1.51 -10.17 -4.34
CA LYS B 70 -1.15 -9.77 -5.68
C LYS B 70 -1.98 -10.65 -6.60
N PHE B 71 -2.54 -10.06 -7.66
CA PHE B 71 -3.36 -10.79 -8.60
C PHE B 71 -3.31 -10.32 -10.05
N ASN B 72 -3.84 -11.17 -10.92
CA ASN B 72 -3.83 -10.93 -12.35
C ASN B 72 -5.12 -11.49 -12.94
N VAL B 73 -5.91 -10.61 -13.55
CA VAL B 73 -7.14 -11.05 -14.20
C VAL B 73 -7.13 -10.76 -15.71
N GLY B 74 -6.02 -11.11 -16.35
CA GLY B 74 -5.85 -10.91 -17.78
C GLY B 74 -4.97 -9.74 -18.17
N THR B 75 -5.24 -8.56 -17.62
CA THR B 75 -4.51 -7.35 -18.02
C THR B 75 -3.27 -6.97 -17.19
N ASP B 76 -3.49 -6.43 -16.00
CA ASP B 76 -2.38 -5.94 -15.18
C ASP B 76 -2.22 -6.72 -13.86
N ASP B 77 -0.96 -6.88 -13.46
CA ASP B 77 -0.60 -7.26 -12.11
C ASP B 77 -1.03 -6.15 -11.17
N ILE B 78 -1.83 -6.50 -10.17
CA ILE B 78 -2.30 -5.53 -9.21
C ILE B 78 -1.87 -5.99 -7.82
N ALA B 79 -1.15 -5.14 -7.11
CA ALA B 79 -0.66 -5.49 -5.79
C ALA B 79 -1.40 -4.66 -4.77
N ILE B 80 -1.79 -5.29 -3.67
CA ILE B 80 -2.35 -4.58 -2.51
C ILE B 80 -1.62 -5.05 -1.26
N GLU B 81 -1.23 -4.12 -0.42
CA GLU B 81 -0.47 -4.48 0.77
C GLU B 81 -0.90 -3.62 1.94
N GLU B 82 -1.03 -4.25 3.11
CA GLU B 82 -1.15 -3.54 4.36
C GLU B 82 0.26 -3.30 4.88
N SER B 83 0.80 -2.13 4.56
CA SER B 83 2.21 -1.87 4.81
C SER B 83 2.54 -1.40 6.23
N ASN B 84 1.51 -1.06 7.00
CA ASN B 84 1.69 -0.54 8.35
C ASN B 84 1.74 -1.58 9.45
N ALA B 85 1.19 -2.76 9.21
CA ALA B 85 1.19 -3.83 10.21
C ALA B 85 2.31 -4.86 10.03
N ILE B 86 3.23 -4.90 10.99
CA ILE B 86 4.18 -6.00 11.07
C ILE B 86 3.46 -7.21 11.69
N ILE B 87 3.26 -8.24 10.87
CA ILE B 87 2.41 -9.36 11.25
C ILE B 87 3.12 -10.71 11.47
N ASN B 88 4.45 -10.70 11.50
CA ASN B 88 5.19 -11.94 11.77
C ASN B 88 5.69 -12.05 13.20
N ASP B 89 4.78 -11.76 14.13
CA ASP B 89 5.05 -11.78 15.56
C ASP B 89 4.65 -13.11 16.21
N GLY B 90 4.24 -14.08 15.38
CA GLY B 90 3.80 -15.39 15.85
C GLY B 90 2.50 -15.35 16.62
N LYS B 91 1.72 -14.30 16.37
CA LYS B 91 0.40 -14.14 16.95
C LYS B 91 -0.67 -14.23 15.87
N TYR B 92 -1.89 -14.50 16.30
CA TYR B 92 -3.03 -14.64 15.39
C TYR B 92 -3.45 -13.32 14.71
N HIS B 93 -3.58 -13.37 13.39
CA HIS B 93 -4.13 -12.28 12.58
C HIS B 93 -5.16 -12.85 11.62
N VAL B 94 -6.05 -11.99 11.13
CA VAL B 94 -7.06 -12.40 10.16
C VAL B 94 -6.98 -11.46 8.97
N VAL B 95 -6.73 -12.03 7.79
CA VAL B 95 -6.73 -11.28 6.54
C VAL B 95 -8.05 -11.49 5.80
N ARG B 96 -8.64 -10.39 5.33
CA ARG B 96 -9.85 -10.45 4.52
C ARG B 96 -9.63 -9.73 3.19
N PHE B 97 -9.82 -10.45 2.09
CA PHE B 97 -9.62 -9.89 0.77
C PHE B 97 -10.89 -9.96 -0.06
N THR B 98 -11.20 -8.88 -0.76
CA THR B 98 -12.25 -8.89 -1.76
C THR B 98 -11.66 -8.26 -3.01
N ARG B 99 -12.14 -8.70 -4.17
CA ARG B 99 -11.73 -8.14 -5.45
C ARG B 99 -13.00 -7.93 -6.23
N SER B 100 -13.18 -6.73 -6.79
CA SER B 100 -14.21 -6.47 -7.78
C SER B 100 -13.50 -5.91 -8.99
N GLY B 101 -13.41 -6.71 -10.05
CA GLY B 101 -12.70 -6.32 -11.26
C GLY B 101 -11.23 -6.05 -10.94
N GLY B 102 -10.80 -4.82 -11.21
CA GLY B 102 -9.43 -4.38 -10.91
C GLY B 102 -9.30 -3.71 -9.56
N ASN B 103 -10.43 -3.48 -8.90
CA ASN B 103 -10.48 -2.95 -7.54
C ASN B 103 -10.35 -4.05 -6.51
N ALA B 104 -9.71 -3.72 -5.40
CA ALA B 104 -9.52 -4.67 -4.32
C ALA B 104 -9.59 -3.96 -2.97
N THR B 105 -9.96 -4.70 -1.93
CA THR B 105 -9.84 -4.21 -0.56
C THR B 105 -9.12 -5.27 0.24
N LEU B 106 -8.33 -4.86 1.21
CA LEU B 106 -7.61 -5.80 2.07
C LEU B 106 -7.83 -5.37 3.51
N GLN B 107 -8.23 -6.32 4.35
CA GLN B 107 -8.47 -6.04 5.75
C GLN B 107 -7.63 -6.96 6.63
N VAL B 108 -6.97 -6.38 7.64
CA VAL B 108 -6.13 -7.15 8.55
C VAL B 108 -6.54 -6.82 9.99
N ASP B 109 -6.96 -7.84 10.73
CA ASP B 109 -7.24 -7.69 12.15
C ASP B 109 -6.09 -8.25 12.99
N SER B 110 -5.69 -7.49 14.00
CA SER B 110 -4.70 -7.93 14.95
C SER B 110 -5.22 -7.63 16.34
N TRP B 111 -4.68 -8.30 17.35
CA TRP B 111 -5.03 -8.02 18.74
C TRP B 111 -3.84 -7.65 19.62
N PRO B 112 -3.23 -6.47 19.38
CA PRO B 112 -2.01 -6.05 20.07
C PRO B 112 -2.16 -5.88 21.59
N VAL B 113 -1.13 -6.28 22.32
CA VAL B 113 -1.13 -6.23 23.77
C VAL B 113 -0.24 -5.09 24.33
N ILE B 114 0.24 -4.22 23.44
CA ILE B 114 1.11 -3.10 23.83
C ILE B 114 0.55 -1.72 23.42
N GLU B 115 1.04 -0.67 24.07
CA GLU B 115 0.71 0.71 23.72
C GLU B 115 1.90 1.67 23.90
N ARG B 116 2.05 2.59 22.95
CA ARG B 116 3.08 3.64 23.00
C ARG B 116 2.45 5.03 22.89
N TYR B 117 2.17 5.63 24.05
CA TYR B 117 1.49 6.93 24.13
C TYR B 117 1.82 7.62 25.45
N GLU B 125 16.27 2.35 21.47
CA GLU B 125 16.24 3.80 21.63
C GLU B 125 15.57 4.22 22.95
N ARG B 126 15.74 5.49 23.31
CA ARG B 126 15.13 6.06 24.53
C ARG B 126 13.78 6.73 24.26
N LEU B 127 13.16 6.38 23.12
CA LEU B 127 11.88 6.97 22.71
C LEU B 127 10.56 6.59 23.40
N ALA B 128 10.09 5.36 23.14
CA ALA B 128 8.82 4.88 23.68
C ALA B 128 8.98 3.38 23.96
N ILE B 129 9.28 3.05 25.21
CA ILE B 129 9.35 1.65 25.67
C ILE B 129 7.94 1.09 25.91
N ALA B 130 7.60 -0.01 25.22
CA ALA B 130 6.24 -0.58 25.21
C ALA B 130 5.54 -0.76 26.57
N ARG B 131 4.25 -0.46 26.60
CA ARG B 131 3.41 -0.61 27.78
C ARG B 131 2.46 -1.80 27.60
N GLN B 132 2.70 -2.86 28.37
CA GLN B 132 1.83 -4.02 28.38
C GLN B 132 0.43 -3.66 28.87
N ARG B 133 -0.57 -4.25 28.21
CA ARG B 133 -1.93 -3.73 28.21
C ARG B 133 -2.90 -4.87 27.98
N ILE B 134 -4.18 -4.66 28.34
CA ILE B 134 -5.25 -5.57 27.91
C ILE B 134 -5.34 -5.54 26.38
N PRO B 135 -5.25 -6.71 25.73
CA PRO B 135 -5.33 -6.75 24.26
C PRO B 135 -6.61 -6.12 23.70
N TYR B 136 -6.49 -5.45 22.58
CA TYR B 136 -7.63 -4.84 21.91
C TYR B 136 -7.54 -5.09 20.42
N ARG B 137 -8.68 -5.11 19.75
CA ARG B 137 -8.72 -5.31 18.32
C ARG B 137 -8.19 -4.09 17.59
N LEU B 138 -7.20 -4.29 16.74
CA LEU B 138 -6.79 -3.28 15.79
C LEU B 138 -6.97 -3.81 14.36
N GLY B 139 -7.93 -3.23 13.64
CA GLY B 139 -8.18 -3.58 12.26
C GLY B 139 -7.57 -2.56 11.33
N ARG B 140 -7.05 -3.01 10.20
CA ARG B 140 -6.59 -2.09 9.18
C ARG B 140 -7.21 -2.47 7.85
N VAL B 141 -7.71 -1.47 7.13
CA VAL B 141 -8.31 -1.68 5.83
C VAL B 141 -7.51 -0.89 4.80
N VAL B 142 -7.11 -1.58 3.73
CA VAL B 142 -6.58 -0.91 2.53
C VAL B 142 -7.62 -1.08 1.41
N ASP B 143 -7.92 0.02 0.72
CA ASP B 143 -8.74 0.01 -0.49
C ASP B 143 -7.94 0.49 -1.66
N GLU B 144 -8.12 -0.19 -2.79
CA GLU B 144 -7.45 0.17 -4.04
CA GLU B 144 -7.43 0.16 -4.04
C GLU B 144 -8.44 0.21 -5.18
N TRP B 145 -8.43 1.31 -5.93
CA TRP B 145 -9.35 1.51 -7.03
C TRP B 145 -8.62 1.93 -8.31
N LEU B 146 -9.02 1.36 -9.43
CA LEU B 146 -8.63 1.87 -10.75
C LEU B 146 -9.65 2.84 -11.32
N LEU B 147 -9.22 4.08 -11.57
CA LEU B 147 -10.03 5.05 -12.29
C LEU B 147 -9.65 4.99 -13.75
N ASP B 148 -9.73 3.78 -14.29
CA ASP B 148 -9.55 3.55 -15.70
C ASP B 148 -10.95 3.65 -16.31
N LYS B 149 -11.04 4.16 -17.53
CA LYS B 149 -12.34 4.27 -18.22
C LYS B 149 -12.77 2.84 -18.60
N GLY B 150 -12.77 1.95 -17.60
CA GLY B 150 -13.20 0.56 -17.75
C GLY B 150 -12.50 -0.36 -18.75
N ARG B 151 -11.38 0.10 -19.30
CA ARG B 151 -10.69 -0.60 -20.40
C ARG B 151 -9.68 -1.69 -19.95
N GLN B 152 -10.03 -2.42 -18.91
CA GLN B 152 -9.25 -3.59 -18.49
C GLN B 152 -10.16 -4.76 -18.11
N LEU B 153 -9.69 -5.97 -18.40
CA LEU B 153 -10.43 -7.21 -18.15
C LEU B 153 -10.64 -7.46 -16.66
N THR B 154 -11.89 -7.74 -16.28
CA THR B 154 -12.27 -7.82 -14.88
C THR B 154 -12.57 -9.24 -14.38
N ILE B 155 -12.24 -10.25 -15.19
CA ILE B 155 -12.68 -11.62 -14.91
C ILE B 155 -11.56 -12.62 -14.60
N PHE B 156 -11.63 -13.21 -13.42
CA PHE B 156 -10.75 -14.30 -13.00
C PHE B 156 -11.27 -15.58 -13.65
N ASN B 157 -10.76 -15.89 -14.82
CA ASN B 157 -11.34 -16.91 -15.68
C ASN B 157 -10.87 -18.31 -15.32
N SER B 158 -11.83 -19.24 -15.26
CA SER B 158 -11.56 -20.68 -15.19
C SER B 158 -10.55 -21.07 -14.09
N GLN B 159 -10.98 -20.87 -12.85
CA GLN B 159 -10.15 -21.15 -11.67
C GLN B 159 -10.00 -22.65 -11.43
N ALA B 160 -8.75 -23.11 -11.39
CA ALA B 160 -8.44 -24.53 -11.42
C ALA B 160 -8.08 -25.10 -10.05
N THR B 161 -7.13 -24.47 -9.39
CA THR B 161 -6.57 -25.00 -8.14
C THR B 161 -6.39 -23.92 -7.11
N ILE B 162 -6.64 -24.30 -5.86
CA ILE B 162 -6.26 -23.49 -4.70
C ILE B 162 -5.12 -24.23 -4.02
N ILE B 163 -3.95 -23.61 -4.00
CA ILE B 163 -2.77 -24.23 -3.45
C ILE B 163 -2.38 -23.46 -2.21
N ILE B 164 -2.34 -24.17 -1.08
CA ILE B 164 -2.08 -23.59 0.23
C ILE B 164 -0.76 -24.10 0.80
N GLY B 165 0.08 -23.19 1.28
CA GLY B 165 1.34 -23.56 1.93
C GLY B 165 2.62 -23.05 1.25
N GLY B 166 2.46 -22.49 0.06
CA GLY B 166 3.54 -21.82 -0.67
C GLY B 166 4.70 -22.66 -1.17
N LYS B 167 4.64 -23.98 -0.97
CA LYS B 167 5.74 -24.88 -1.32
C LYS B 167 6.03 -24.88 -2.83
N GLU B 168 4.99 -24.73 -3.64
CA GLU B 168 5.15 -24.78 -5.11
C GLU B 168 5.42 -23.40 -5.75
N GLN B 169 5.85 -22.44 -4.92
CA GLN B 169 6.31 -21.15 -5.39
C GLN B 169 7.77 -20.93 -4.99
N GLY B 170 8.27 -21.81 -4.12
CA GLY B 170 9.62 -21.72 -3.58
C GLY B 170 9.71 -20.81 -2.36
N GLN B 171 8.56 -20.63 -1.69
CA GLN B 171 8.48 -19.82 -0.48
C GLN B 171 7.55 -20.52 0.53
N PRO B 172 8.05 -21.57 1.19
CA PRO B 172 7.20 -22.37 2.06
C PRO B 172 6.73 -21.57 3.28
N PHE B 173 5.44 -21.68 3.59
CA PHE B 173 4.89 -21.10 4.80
C PHE B 173 5.17 -22.01 6.00
N GLN B 174 5.46 -21.39 7.14
CA GLN B 174 5.64 -22.09 8.42
C GLN B 174 4.79 -21.41 9.49
N GLY B 175 4.02 -22.20 10.21
CA GLY B 175 3.15 -21.65 11.24
C GLY B 175 1.76 -22.25 11.16
N GLN B 176 0.75 -21.39 11.26
CA GLN B 176 -0.61 -21.84 11.44
C GLN B 176 -1.59 -21.15 10.50
N LEU B 177 -2.42 -21.94 9.83
CA LEU B 177 -3.48 -21.41 8.98
C LEU B 177 -4.83 -21.98 9.42
N SER B 178 -5.85 -21.15 9.40
CA SER B 178 -7.17 -21.58 9.85
C SER B 178 -8.28 -20.82 9.15
N GLY B 179 -9.46 -21.45 9.09
CA GLY B 179 -10.68 -20.83 8.61
C GLY B 179 -10.52 -20.15 7.27
N LEU B 180 -10.01 -20.88 6.28
CA LEU B 180 -9.84 -20.38 4.93
C LEU B 180 -11.18 -20.30 4.25
N TYR B 181 -11.60 -19.10 3.91
CA TYR B 181 -12.82 -18.90 3.16
C TYR B 181 -12.44 -18.45 1.76
N TYR B 182 -13.03 -19.07 0.75
CA TYR B 182 -12.89 -18.59 -0.65
C TYR B 182 -14.12 -18.85 -1.52
N ASN B 183 -14.78 -17.76 -1.90
CA ASN B 183 -15.99 -17.80 -2.75
C ASN B 183 -16.95 -18.92 -2.40
N GLY B 184 -17.30 -19.01 -1.12
CA GLY B 184 -18.21 -20.04 -0.61
C GLY B 184 -17.52 -21.25 0.00
N LEU B 185 -16.27 -21.48 -0.38
CA LEU B 185 -15.54 -22.67 0.06
C LEU B 185 -14.82 -22.47 1.37
N LYS B 186 -15.18 -23.27 2.37
CA LYS B 186 -14.43 -23.35 3.63
C LYS B 186 -13.40 -24.47 3.48
N VAL B 187 -12.31 -24.17 2.78
CA VAL B 187 -11.38 -25.18 2.28
C VAL B 187 -10.63 -25.97 3.35
N LEU B 188 -10.11 -25.30 4.37
CA LEU B 188 -9.40 -25.98 5.44
C LEU B 188 -10.36 -26.86 6.24
N ASN B 189 -11.61 -26.41 6.36
CA ASN B 189 -12.67 -27.21 6.99
C ASN B 189 -12.94 -28.46 6.16
N MET B 190 -13.09 -28.27 4.85
CA MET B 190 -13.35 -29.35 3.90
C MET B 190 -12.23 -30.40 3.90
N ALA B 191 -10.99 -29.95 4.05
CA ALA B 191 -9.83 -30.84 4.14
C ALA B 191 -9.91 -31.76 5.36
N ALA B 192 -10.17 -31.18 6.53
CA ALA B 192 -10.29 -31.91 7.79
C ALA B 192 -11.40 -32.95 7.75
N GLU B 193 -12.33 -32.78 6.82
CA GLU B 193 -13.49 -33.67 6.70
C GLU B 193 -13.32 -34.64 5.53
N ASN B 194 -12.10 -34.65 4.98
CA ASN B 194 -11.72 -35.57 3.89
C ASN B 194 -12.52 -35.42 2.60
N ASP B 195 -12.63 -34.19 2.10
CA ASP B 195 -13.25 -33.95 0.81
C ASP B 195 -12.42 -34.62 -0.29
N ALA B 196 -13.11 -35.18 -1.28
CA ALA B 196 -12.49 -35.92 -2.38
C ALA B 196 -11.56 -35.08 -3.27
N ASN B 197 -11.84 -33.78 -3.36
CA ASN B 197 -11.10 -32.88 -4.27
C ASN B 197 -9.91 -32.17 -3.62
N ILE B 198 -9.52 -32.65 -2.45
CA ILE B 198 -8.45 -32.04 -1.67
C ILE B 198 -7.31 -33.03 -1.44
N ALA B 199 -6.08 -32.57 -1.63
CA ALA B 199 -4.89 -33.37 -1.35
C ALA B 199 -3.94 -32.63 -0.40
N ILE B 200 -3.51 -33.34 0.64
CA ILE B 200 -2.56 -32.84 1.62
C ILE B 200 -1.27 -33.63 1.51
N VAL B 201 -0.18 -32.93 1.21
CA VAL B 201 1.15 -33.55 1.10
C VAL B 201 2.19 -32.82 1.92
N GLY B 202 3.30 -33.50 2.21
CA GLY B 202 4.43 -32.88 2.90
C GLY B 202 4.25 -32.73 4.40
N ASN B 203 5.00 -31.80 4.97
CA ASN B 203 5.10 -31.62 6.43
C ASN B 203 4.07 -30.66 7.00
N VAL B 204 2.80 -31.04 6.89
CA VAL B 204 1.68 -30.25 7.43
C VAL B 204 0.72 -31.12 8.24
N ARG B 205 0.29 -30.60 9.39
CA ARG B 205 -0.53 -31.35 10.33
C ARG B 205 -1.86 -30.67 10.61
N LEU B 206 -2.92 -31.47 10.71
CA LEU B 206 -4.20 -31.02 11.25
C LEU B 206 -4.01 -30.89 12.74
N VAL B 207 -4.63 -29.87 13.32
CA VAL B 207 -4.63 -29.72 14.76
C VAL B 207 -6.02 -29.29 15.24
#